data_3SGS
# 
_entry.id   3SGS 
# 
_audit_conform.dict_name       mmcif_pdbx.dic 
_audit_conform.dict_version    5.387 
_audit_conform.dict_location   http://mmcif.pdb.org/dictionaries/ascii/mmcif_pdbx.dic 
# 
loop_
_database_2.database_id 
_database_2.database_code 
_database_2.pdbx_database_accession 
_database_2.pdbx_DOI 
PDB   3SGS         pdb_00003sgs 10.2210/pdb3sgs/pdb 
RCSB  RCSB066182   ?            ?                   
WWPDB D_1000066182 ?            ?                   
# 
loop_
_pdbx_audit_revision_history.ordinal 
_pdbx_audit_revision_history.data_content_type 
_pdbx_audit_revision_history.major_revision 
_pdbx_audit_revision_history.minor_revision 
_pdbx_audit_revision_history.revision_date 
1 'Structure model' 1 0 2012-03-21 
2 'Structure model' 1 1 2024-02-28 
# 
_pdbx_audit_revision_details.ordinal             1 
_pdbx_audit_revision_details.revision_ordinal    1 
_pdbx_audit_revision_details.data_content_type   'Structure model' 
_pdbx_audit_revision_details.provider            repository 
_pdbx_audit_revision_details.type                'Initial release' 
_pdbx_audit_revision_details.description         ? 
_pdbx_audit_revision_details.details             ? 
# 
loop_
_pdbx_audit_revision_group.ordinal 
_pdbx_audit_revision_group.revision_ordinal 
_pdbx_audit_revision_group.data_content_type 
_pdbx_audit_revision_group.group 
1 2 'Structure model' 'Data collection'     
2 2 'Structure model' 'Database references' 
# 
loop_
_pdbx_audit_revision_category.ordinal 
_pdbx_audit_revision_category.revision_ordinal 
_pdbx_audit_revision_category.data_content_type 
_pdbx_audit_revision_category.category 
1 2 'Structure model' chem_comp_atom 
2 2 'Structure model' chem_comp_bond 
3 2 'Structure model' database_2     
# 
loop_
_pdbx_audit_revision_item.ordinal 
_pdbx_audit_revision_item.revision_ordinal 
_pdbx_audit_revision_item.data_content_type 
_pdbx_audit_revision_item.item 
1 2 'Structure model' '_database_2.pdbx_DOI'                
2 2 'Structure model' '_database_2.pdbx_database_accession' 
# 
_pdbx_database_status.entry_id                        3SGS 
_pdbx_database_status.status_code                     REL 
_pdbx_database_status.deposit_site                    RCSB 
_pdbx_database_status.process_site                    RCSB 
_pdbx_database_status.recvd_initial_deposition_date   2011-06-15 
_pdbx_database_status.status_code_sf                  REL 
_pdbx_database_status.status_code_mr                  ? 
_pdbx_database_status.SG_entry                        ? 
_pdbx_database_status.status_code_cs                  ? 
_pdbx_database_status.pdb_format_compatible           Y 
_pdbx_database_status.status_code_nmr_data            ? 
_pdbx_database_status.methods_development_category    ? 
# 
loop_
_pdbx_database_related.db_name 
_pdbx_database_related.db_id 
_pdbx_database_related.details 
_pdbx_database_related.content_type 
PDB 3SGM 'Bromoderivative-2 of amyloid-related segment of alphaB-crystallin residues 90-100'         unspecified 
PDB 3SGN 'Bromoderivative-8 of amyloid-related segment of alphaB-crystallin residues 90-100'         unspecified 
PDB 3SGO 'Amyloid-related segment of alphaB-crystallin residues 90-100'                              unspecified 
PDB 3SGP 'Amyloid-related segment of alphaB-crystallin residues 90-100 mutant V91L'                  unspecified 
PDB 3SGR 'Tandem repeat of amyloid-related segment of alphaB-crystallin residues 90-100 mutant V91L' unspecified 
# 
loop_
_audit_author.name 
_audit_author.pdbx_ordinal 
'Laganowsky, A.' 1 
'Sawaya, M.R.'   2 
'Cascio, D.'     3 
'Eisenberg, D.'  4 
# 
_citation.id                        primary 
_citation.title                     'Atomic view of a toxic amyloid small oligomer.' 
_citation.journal_abbrev            Science 
_citation.journal_volume            335 
_citation.page_first                1228 
_citation.page_last                 1231 
_citation.year                      2012 
_citation.journal_id_ASTM           SCIEAS 
_citation.country                   US 
_citation.journal_id_ISSN           0036-8075 
_citation.journal_id_CSD            0038 
_citation.book_publisher            ? 
_citation.pdbx_database_id_PubMed   22403391 
_citation.pdbx_database_id_DOI      10.1126/science.1213151 
# 
loop_
_citation_author.citation_id 
_citation_author.name 
_citation_author.ordinal 
_citation_author.identifier_ORCID 
primary 'Laganowsky, A.'   1  ? 
primary 'Liu, C.'          2  ? 
primary 'Sawaya, M.R.'     3  ? 
primary 'Whitelegge, J.P.' 4  ? 
primary 'Park, J.'         5  ? 
primary 'Zhao, M.'         6  ? 
primary 'Pensalfini, A.'   7  ? 
primary 'Soriaga, A.B.'    8  ? 
primary 'Landau, M.'       9  ? 
primary 'Teng, P.K.'       10 ? 
primary 'Cascio, D.'       11 ? 
primary 'Glabe, C.'        12 ? 
primary 'Eisenberg, D.'    13 ? 
# 
loop_
_entity.id 
_entity.type 
_entity.src_method 
_entity.pdbx_description 
_entity.formula_weight 
_entity.pdbx_number_of_molecules 
_entity.pdbx_ec 
_entity.pdbx_mutation 
_entity.pdbx_fragment 
_entity.details 
1 polymer syn 'Alpha-crystallin B chain' 630.688 1 ? ? ? ? 
2 water   nat water                      18.015  2 ? ? ? ? 
# 
_entity_name_com.entity_id   1 
_entity_name_com.name        
'Alpha(B)-crystallin, Heat shock protein beta-5, HspB5, Renal carcinoma antigen NY-REN-27, Rosenthal fiber component' 
# 
_entity_poly.entity_id                      1 
_entity_poly.type                           'polypeptide(L)' 
_entity_poly.nstd_linkage                   no 
_entity_poly.nstd_monomer                   no 
_entity_poly.pdbx_seq_one_letter_code       GDVIEV 
_entity_poly.pdbx_seq_one_letter_code_can   GDVIEV 
_entity_poly.pdbx_strand_id                 A 
_entity_poly.pdbx_target_identifier         ? 
# 
_pdbx_entity_nonpoly.entity_id   2 
_pdbx_entity_nonpoly.name        water 
_pdbx_entity_nonpoly.comp_id     HOH 
# 
loop_
_entity_poly_seq.entity_id 
_entity_poly_seq.num 
_entity_poly_seq.mon_id 
_entity_poly_seq.hetero 
1 1 GLY n 
1 2 ASP n 
1 3 VAL n 
1 4 ILE n 
1 5 GLU n 
1 6 VAL n 
# 
_pdbx_entity_src_syn.entity_id              1 
_pdbx_entity_src_syn.pdbx_src_id            1 
_pdbx_entity_src_syn.pdbx_alt_source_flag   sample 
_pdbx_entity_src_syn.pdbx_beg_seq_num       ? 
_pdbx_entity_src_syn.pdbx_end_seq_num       ? 
_pdbx_entity_src_syn.organism_scientific    'Homo sapiens' 
_pdbx_entity_src_syn.organism_common_name   Human 
_pdbx_entity_src_syn.ncbi_taxonomy_id       9606 
_pdbx_entity_src_syn.details                'synthetic peptide' 
# 
loop_
_chem_comp.id 
_chem_comp.type 
_chem_comp.mon_nstd_flag 
_chem_comp.name 
_chem_comp.pdbx_synonyms 
_chem_comp.formula 
_chem_comp.formula_weight 
ASP 'L-peptide linking' y 'ASPARTIC ACID' ? 'C4 H7 N O4'  133.103 
GLU 'L-peptide linking' y 'GLUTAMIC ACID' ? 'C5 H9 N O4'  147.129 
GLY 'peptide linking'   y GLYCINE         ? 'C2 H5 N O2'  75.067  
HOH non-polymer         . WATER           ? 'H2 O'        18.015  
ILE 'L-peptide linking' y ISOLEUCINE      ? 'C6 H13 N O2' 131.173 
VAL 'L-peptide linking' y VALINE          ? 'C5 H11 N O2' 117.146 
# 
loop_
_pdbx_poly_seq_scheme.asym_id 
_pdbx_poly_seq_scheme.entity_id 
_pdbx_poly_seq_scheme.seq_id 
_pdbx_poly_seq_scheme.mon_id 
_pdbx_poly_seq_scheme.ndb_seq_num 
_pdbx_poly_seq_scheme.pdb_seq_num 
_pdbx_poly_seq_scheme.auth_seq_num 
_pdbx_poly_seq_scheme.pdb_mon_id 
_pdbx_poly_seq_scheme.auth_mon_id 
_pdbx_poly_seq_scheme.pdb_strand_id 
_pdbx_poly_seq_scheme.pdb_ins_code 
_pdbx_poly_seq_scheme.hetero 
A 1 1 GLY 1 1 1 GLY GLY A . n 
A 1 2 ASP 2 2 2 ASP ASP A . n 
A 1 3 VAL 3 3 3 VAL VAL A . n 
A 1 4 ILE 4 4 4 ILE ILE A . n 
A 1 5 GLU 5 5 5 GLU GLU A . n 
A 1 6 VAL 6 6 6 VAL VAL A . n 
# 
loop_
_pdbx_nonpoly_scheme.asym_id 
_pdbx_nonpoly_scheme.entity_id 
_pdbx_nonpoly_scheme.mon_id 
_pdbx_nonpoly_scheme.ndb_seq_num 
_pdbx_nonpoly_scheme.pdb_seq_num 
_pdbx_nonpoly_scheme.auth_seq_num 
_pdbx_nonpoly_scheme.pdb_mon_id 
_pdbx_nonpoly_scheme.auth_mon_id 
_pdbx_nonpoly_scheme.pdb_strand_id 
_pdbx_nonpoly_scheme.pdb_ins_code 
B 2 HOH 1 7 1 HOH HOH A . 
B 2 HOH 2 8 2 HOH HOH A . 
# 
loop_
_software.pdbx_ordinal 
_software.name 
_software.version 
_software.date 
_software.type 
_software.contact_author 
_software.contact_author_email 
_software.classification 
_software.location 
_software.language 
_software.citation_id 
1 DENZO       .    ?               program 'Zbyszek Otwinowski' hkl@hkl-xray.com            'data reduction'  
http://www.hkl-xray.com/                     ?          ? 
2 SCALEPACK   .    ?               program 'Zbyszek Otwinowski' hkl@hkl-xray.com            'data scaling'    
http://www.hkl-xray.com/                     ?          ? 
3 PHASER      .    ?               program 'Randy J. Read'      cimr-phaser@lists.cam.ac.uk phasing           
http://www-structmed.cimr.cam.ac.uk/phaser/  ?          ? 
4 REFMAC      .    ?               program 'Garib N. Murshudov' garib@ysbl.york.ac.uk       refinement        
http://www.ccp4.ac.uk/dist/html/refmac5.html Fortran_77 ? 
5 PDB_EXTRACT 3.10 'June 10, 2010' package PDB                  deposit@deposit.rcsb.org    'data extraction' 
http://sw-tools.pdb.org/apps/PDB_EXTRACT/    C++        ? 
# 
_cell.length_a           4.821 
_cell.length_b           19.500 
_cell.length_c           21.004 
_cell.angle_alpha        90.000 
_cell.angle_beta         94.230 
_cell.angle_gamma        90.000 
_cell.entry_id           3SGS 
_cell.pdbx_unique_axis   ? 
_cell.Z_PDB              2 
_cell.length_a_esd       ? 
_cell.length_b_esd       ? 
_cell.length_c_esd       ? 
_cell.angle_alpha_esd    ? 
_cell.angle_beta_esd     ? 
_cell.angle_gamma_esd    ? 
# 
_symmetry.space_group_name_H-M             'P 1 21 1' 
_symmetry.entry_id                         3SGS 
_symmetry.Int_Tables_number                4 
_symmetry.pdbx_full_space_group_name_H-M   ? 
_symmetry.cell_setting                     ? 
_symmetry.space_group_name_Hall            ? 
# 
_exptl.crystals_number   1 
_exptl.entry_id          3SGS 
_exptl.method            'X-RAY DIFFRACTION' 
# 
_exptl_crystal.id                    1 
_exptl_crystal.density_Matthews      ? 
_exptl_crystal.density_meas          ? 
_exptl_crystal.density_percent_sol   ? 
_exptl_crystal.description           ? 
_exptl_crystal.F_000                 ? 
_exptl_crystal.preparation           ? 
# 
_exptl_crystal_grow.crystal_id      1 
_exptl_crystal_grow.method          'VAPOR DIFFUSION, HANGING DROP' 
_exptl_crystal_grow.pH              7.0 
_exptl_crystal_grow.temp            298 
_exptl_crystal_grow.pdbx_details    '2.1M DL-MALIC ACID pH 7.0, vapor diffusion, hanging drop, temperature 298K' 
_exptl_crystal_grow.temp_details    ? 
_exptl_crystal_grow.pdbx_pH_range   ? 
# 
_diffrn.id                     1 
_diffrn.ambient_temp           100 
_diffrn.ambient_temp_details   ? 
_diffrn.crystal_id             1 
# 
_diffrn_detector.diffrn_id              1 
_diffrn_detector.detector               CCD 
_diffrn_detector.type                   'ADSC QUANTUM 315' 
_diffrn_detector.pdbx_collection_date   2008-02-25 
_diffrn_detector.details                ? 
# 
_diffrn_radiation.diffrn_id                        1 
_diffrn_radiation.pdbx_diffrn_protocol             'SINGLE WAVELENGTH' 
_diffrn_radiation.monochromator                    ? 
_diffrn_radiation.wavelength_id                    1 
_diffrn_radiation.pdbx_monochromatic_or_laue_m_l   M 
_diffrn_radiation.pdbx_scattering_type             x-ray 
# 
_diffrn_radiation_wavelength.id           1 
_diffrn_radiation_wavelength.wavelength   0.97918 
_diffrn_radiation_wavelength.wt           1.0 
# 
_diffrn_source.diffrn_id                   1 
_diffrn_source.source                      SYNCHROTRON 
_diffrn_source.type                        'APS BEAMLINE 24-ID-E' 
_diffrn_source.pdbx_wavelength_list        0.97918 
_diffrn_source.pdbx_wavelength             ? 
_diffrn_source.pdbx_synchrotron_site       APS 
_diffrn_source.pdbx_synchrotron_beamline   24-ID-E 
# 
_reflns.entry_id                     3SGS 
_reflns.d_resolution_high            1.700 
_reflns.d_resolution_low             90.000 
_reflns.number_obs                   438 
_reflns.pdbx_Rmerge_I_obs            0.178 
_reflns.pdbx_netI_over_sigmaI        24.200 
_reflns.pdbx_chi_squared             2.341 
_reflns.pdbx_redundancy              4.900 
_reflns.percent_possible_obs         97.600 
_reflns.observed_criterion_sigma_F   ? 
_reflns.observed_criterion_sigma_I   ? 
_reflns.number_all                   ? 
_reflns.pdbx_Rsym_value              ? 
_reflns.B_iso_Wilson_estimate        ? 
_reflns.R_free_details               ? 
_reflns.limit_h_max                  ? 
_reflns.limit_h_min                  ? 
_reflns.limit_k_max                  ? 
_reflns.limit_k_min                  ? 
_reflns.limit_l_max                  ? 
_reflns.limit_l_min                  ? 
_reflns.observed_criterion_F_max     ? 
_reflns.observed_criterion_F_min     ? 
_reflns.pdbx_scaling_rejects         ? 
_reflns.pdbx_ordinal                 1 
_reflns.pdbx_diffrn_id               1 
# 
loop_
_reflns_shell.d_res_high 
_reflns_shell.d_res_low 
_reflns_shell.number_measured_obs 
_reflns_shell.number_measured_all 
_reflns_shell.number_unique_obs 
_reflns_shell.Rmerge_I_obs 
_reflns_shell.meanI_over_sigI_obs 
_reflns_shell.pdbx_Rsym_value 
_reflns_shell.pdbx_chi_squared 
_reflns_shell.pdbx_redundancy 
_reflns_shell.percent_possible_obs 
_reflns_shell.number_unique_all 
_reflns_shell.percent_possible_all 
_reflns_shell.pdbx_ordinal 
_reflns_shell.pdbx_diffrn_id 
1.700 1.830  ? ? ? 0.386 ? ? 1.894 5.000 ? 82 100.000 1 1 
1.830 2.020  ? ? ? 0.215 ? ? 7.822 4.800 ? 83 100.000 2 1 
2.020 2.310  ? ? ? 0.205 ? ? 0.909 4.800 ? 99 100.000 3 1 
2.310 2.910  ? ? ? 0.155 ? ? 0.710 5.100 ? 78 91.800  4 1 
2.910 90.000 ? ? ? 0.146 ? ? 0.875 4.800 ? 96 96.000  5 1 
# 
_refine.entry_id                                 3SGS 
_refine.ls_d_res_high                            1.7030 
_refine.ls_d_res_low                             14.2700 
_refine.pdbx_ls_sigma_F                          0.000 
_refine.pdbx_data_cutoff_high_absF               ? 
_refine.pdbx_data_cutoff_low_absF                ? 
_refine.ls_percent_reflns_obs                    97.7200 
_refine.ls_number_reflns_obs                     428 
_refine.ls_number_reflns_all                     ? 
_refine.pdbx_ls_cross_valid_method               THROUGHOUT 
_refine.pdbx_R_Free_selection_details            RANDOM 
_refine.details                                  'HYDROGENS HAVE BEEN ADDED IN THE RIDING POSITIONS' 
_refine.ls_R_factor_all                          ? 
_refine.ls_R_factor_obs                          0.2133 
_refine.ls_R_factor_R_work                       0.2123 
_refine.ls_wR_factor_R_work                      0.2494 
_refine.ls_R_factor_R_free                       0.2249 
_refine.ls_wR_factor_R_free                      0.2767 
_refine.ls_percent_reflns_R_free                 10.0000 
_refine.ls_number_reflns_R_free                  43 
_refine.ls_R_factor_R_free_error                 ? 
_refine.B_iso_mean                               9.9159 
_refine.solvent_model_param_bsol                 ? 
_refine.solvent_model_param_ksol                 ? 
_refine.pdbx_isotropic_thermal_model             ? 
_refine.aniso_B[1][1]                            -0.0200 
_refine.aniso_B[2][2]                            0.0300 
_refine.aniso_B[3][3]                            -0.0100 
_refine.aniso_B[1][2]                            0.0000 
_refine.aniso_B[1][3]                            -0.0100 
_refine.aniso_B[2][3]                            0.0000 
_refine.correlation_coeff_Fo_to_Fc               0.9280 
_refine.correlation_coeff_Fo_to_Fc_free          0.8750 
_refine.overall_SU_R_Cruickshank_DPI             0.1806 
_refine.overall_SU_R_free                        0.1383 
_refine.pdbx_overall_ESU_R_Free                  0.1380 
_refine.overall_SU_ML                            0.0890 
_refine.overall_SU_B                             2.7190 
_refine.solvent_model_details                    MASK 
_refine.pdbx_solvent_vdw_probe_radii             1.4000 
_refine.pdbx_solvent_ion_probe_radii             0.8000 
_refine.pdbx_solvent_shrinkage_radii             0.8000 
_refine.ls_number_parameters                     ? 
_refine.ls_number_restraints                     ? 
_refine.pdbx_starting_model                      ? 
_refine.pdbx_method_to_determine_struct          'MOLECULAR REPLACEMENT' 
_refine.pdbx_stereochemistry_target_values       'MAXIMUM LIKELIHOOD' 
_refine.pdbx_stereochem_target_val_spec_case     ? 
_refine.overall_FOM_work_R_set                   0.8599 
_refine.B_iso_max                                30.600 
_refine.B_iso_min                                3.890 
_refine.pdbx_overall_phase_error                 ? 
_refine.occupancy_max                            1.000 
_refine.occupancy_min                            1.000 
_refine.pdbx_ls_sigma_I                          ? 
_refine.ls_redundancy_reflns_obs                 ? 
_refine.ls_R_factor_R_free_error_details         ? 
_refine.pdbx_data_cutoff_high_rms_absF           ? 
_refine.overall_FOM_free_R_set                   ? 
_refine.pdbx_diffrn_id                           1 
_refine.pdbx_refine_id                           'X-RAY DIFFRACTION' 
_refine.pdbx_overall_ESU_R                       0.181 
_refine.pdbx_TLS_residual_ADP_flag               ? 
_refine.pdbx_overall_SU_R_free_Cruickshank_DPI   ? 
_refine.pdbx_overall_SU_R_Blow_DPI               ? 
_refine.pdbx_overall_SU_R_free_Blow_DPI          ? 
# 
_refine_hist.pdbx_refine_id                   'X-RAY DIFFRACTION' 
_refine_hist.cycle_id                         LAST 
_refine_hist.pdbx_number_atoms_protein        44 
_refine_hist.pdbx_number_atoms_nucleic_acid   0 
_refine_hist.pdbx_number_atoms_ligand         0 
_refine_hist.number_atoms_solvent             2 
_refine_hist.number_atoms_total               46 
_refine_hist.d_res_high                       1.7030 
_refine_hist.d_res_low                        14.2700 
# 
loop_
_refine_ls_restr.type 
_refine_ls_restr.number 
_refine_ls_restr.dev_ideal 
_refine_ls_restr.dev_ideal_target 
_refine_ls_restr.weight 
_refine_ls_restr.pdbx_restraint_function 
_refine_ls_restr.pdbx_refine_id 
r_bond_refined_d       43 0.011  0.022  ? ? 'X-RAY DIFFRACTION' 
r_bond_other_d         23 0.007  0.020  ? ? 'X-RAY DIFFRACTION' 
r_angle_refined_deg    58 1.130  2.047  ? ? 'X-RAY DIFFRACTION' 
r_angle_other_deg      59 0.709  3.000  ? ? 'X-RAY DIFFRACTION' 
r_dihedral_angle_1_deg 5  6.282  5.000  ? ? 'X-RAY DIFFRACTION' 
r_dihedral_angle_2_deg 2  28.623 30.000 ? ? 'X-RAY DIFFRACTION' 
r_dihedral_angle_3_deg 7  15.268 15.000 ? ? 'X-RAY DIFFRACTION' 
r_chiral_restr         8  0.049  0.200  ? ? 'X-RAY DIFFRACTION' 
r_gen_planes_refined   47 0.003  0.020  ? ? 'X-RAY DIFFRACTION' 
r_gen_planes_other     5  0.001  0.020  ? ? 'X-RAY DIFFRACTION' 
r_mcbond_it            29 0.994  1.500  ? ? 'X-RAY DIFFRACTION' 
r_mcbond_other         12 0.085  1.500  ? ? 'X-RAY DIFFRACTION' 
r_mcangle_it           47 1.697  2.000  ? ? 'X-RAY DIFFRACTION' 
r_scbond_it            14 0.751  3.000  ? ? 'X-RAY DIFFRACTION' 
r_scangle_it           11 1.195  4.500  ? ? 'X-RAY DIFFRACTION' 
# 
_refine_ls_shell.d_res_high                       1.7030 
_refine_ls_shell.d_res_low                        1.9010 
_refine_ls_shell.pdbx_total_number_of_bins_used   5 
_refine_ls_shell.percent_reflns_obs               100.0000 
_refine_ls_shell.number_reflns_R_work             99 
_refine_ls_shell.R_factor_all                     ? 
_refine_ls_shell.R_factor_R_work                  0.2920 
_refine_ls_shell.R_factor_R_free                  0.2010 
_refine_ls_shell.percent_reflns_R_free            ? 
_refine_ls_shell.number_reflns_R_free             11 
_refine_ls_shell.R_factor_R_free_error            ? 
_refine_ls_shell.number_reflns_all                110 
_refine_ls_shell.number_reflns_obs                ? 
_refine_ls_shell.redundancy_reflns_obs            ? 
_refine_ls_shell.pdbx_refine_id                   'X-RAY DIFFRACTION' 
# 
_struct.entry_id                  3SGS 
_struct.title                     'Amyloid-related segment of alphaB-crystallin residues 95-100' 
_struct.pdbx_model_details        ? 
_struct.pdbx_CASP_flag            ? 
_struct.pdbx_model_type_details   ? 
# 
_struct_keywords.entry_id        3SGS 
_struct_keywords.text            'amyloid, amyloid fibril, PROTEIN FIBRIL' 
_struct_keywords.pdbx_keywords   'PROTEIN FIBRIL' 
# 
loop_
_struct_asym.id 
_struct_asym.pdbx_blank_PDB_chainid_flag 
_struct_asym.pdbx_modified 
_struct_asym.entity_id 
_struct_asym.details 
A N N 1 ? 
B N N 2 ? 
# 
_struct_ref.id                         1 
_struct_ref.db_name                    UNP 
_struct_ref.db_code                    CRYAB_HUMAN 
_struct_ref.pdbx_db_accession          P02511 
_struct_ref.entity_id                  1 
_struct_ref.pdbx_seq_one_letter_code   GDVIEV 
_struct_ref.pdbx_align_begin           95 
_struct_ref.pdbx_db_isoform            ? 
# 
_struct_ref_seq.align_id                      1 
_struct_ref_seq.ref_id                        1 
_struct_ref_seq.pdbx_PDB_id_code              3SGS 
_struct_ref_seq.pdbx_strand_id                A 
_struct_ref_seq.seq_align_beg                 1 
_struct_ref_seq.pdbx_seq_align_beg_ins_code   ? 
_struct_ref_seq.seq_align_end                 6 
_struct_ref_seq.pdbx_seq_align_end_ins_code   ? 
_struct_ref_seq.pdbx_db_accession             P02511 
_struct_ref_seq.db_align_beg                  95 
_struct_ref_seq.pdbx_db_align_beg_ins_code    ? 
_struct_ref_seq.db_align_end                  100 
_struct_ref_seq.pdbx_db_align_end_ins_code    ? 
_struct_ref_seq.pdbx_auth_seq_align_beg       1 
_struct_ref_seq.pdbx_auth_seq_align_end       6 
# 
_pdbx_struct_assembly.id                   1 
_pdbx_struct_assembly.details              author_and_software_defined_assembly 
_pdbx_struct_assembly.method_details       PISA 
_pdbx_struct_assembly.oligomeric_details   monomeric 
_pdbx_struct_assembly.oligomeric_count     1 
# 
_pdbx_struct_assembly_gen.assembly_id       1 
_pdbx_struct_assembly_gen.oper_expression   1 
_pdbx_struct_assembly_gen.asym_id_list      A,B 
# 
_pdbx_struct_oper_list.id                   1 
_pdbx_struct_oper_list.type                 'identity operation' 
_pdbx_struct_oper_list.name                 1_555 
_pdbx_struct_oper_list.symmetry_operation   x,y,z 
_pdbx_struct_oper_list.matrix[1][1]         1.0000000000 
_pdbx_struct_oper_list.matrix[1][2]         0.0000000000 
_pdbx_struct_oper_list.matrix[1][3]         0.0000000000 
_pdbx_struct_oper_list.vector[1]            0.0000000000 
_pdbx_struct_oper_list.matrix[2][1]         0.0000000000 
_pdbx_struct_oper_list.matrix[2][2]         1.0000000000 
_pdbx_struct_oper_list.matrix[2][3]         0.0000000000 
_pdbx_struct_oper_list.vector[2]            0.0000000000 
_pdbx_struct_oper_list.matrix[3][1]         0.0000000000 
_pdbx_struct_oper_list.matrix[3][2]         0.0000000000 
_pdbx_struct_oper_list.matrix[3][3]         1.0000000000 
_pdbx_struct_oper_list.vector[3]            0.0000000000 
# 
_struct_biol.id        1 
_struct_biol.details   ? 
# 
_phasing.method   MR 
# 
loop_
_chem_comp_atom.comp_id 
_chem_comp_atom.atom_id 
_chem_comp_atom.type_symbol 
_chem_comp_atom.pdbx_aromatic_flag 
_chem_comp_atom.pdbx_stereo_config 
_chem_comp_atom.pdbx_ordinal 
ASP N    N N N 1  
ASP CA   C N S 2  
ASP C    C N N 3  
ASP O    O N N 4  
ASP CB   C N N 5  
ASP CG   C N N 6  
ASP OD1  O N N 7  
ASP OD2  O N N 8  
ASP OXT  O N N 9  
ASP H    H N N 10 
ASP H2   H N N 11 
ASP HA   H N N 12 
ASP HB2  H N N 13 
ASP HB3  H N N 14 
ASP HD2  H N N 15 
ASP HXT  H N N 16 
GLU N    N N N 17 
GLU CA   C N S 18 
GLU C    C N N 19 
GLU O    O N N 20 
GLU CB   C N N 21 
GLU CG   C N N 22 
GLU CD   C N N 23 
GLU OE1  O N N 24 
GLU OE2  O N N 25 
GLU OXT  O N N 26 
GLU H    H N N 27 
GLU H2   H N N 28 
GLU HA   H N N 29 
GLU HB2  H N N 30 
GLU HB3  H N N 31 
GLU HG2  H N N 32 
GLU HG3  H N N 33 
GLU HE2  H N N 34 
GLU HXT  H N N 35 
GLY N    N N N 36 
GLY CA   C N N 37 
GLY C    C N N 38 
GLY O    O N N 39 
GLY OXT  O N N 40 
GLY H    H N N 41 
GLY H2   H N N 42 
GLY HA2  H N N 43 
GLY HA3  H N N 44 
GLY HXT  H N N 45 
HOH O    O N N 46 
HOH H1   H N N 47 
HOH H2   H N N 48 
ILE N    N N N 49 
ILE CA   C N S 50 
ILE C    C N N 51 
ILE O    O N N 52 
ILE CB   C N S 53 
ILE CG1  C N N 54 
ILE CG2  C N N 55 
ILE CD1  C N N 56 
ILE OXT  O N N 57 
ILE H    H N N 58 
ILE H2   H N N 59 
ILE HA   H N N 60 
ILE HB   H N N 61 
ILE HG12 H N N 62 
ILE HG13 H N N 63 
ILE HG21 H N N 64 
ILE HG22 H N N 65 
ILE HG23 H N N 66 
ILE HD11 H N N 67 
ILE HD12 H N N 68 
ILE HD13 H N N 69 
ILE HXT  H N N 70 
VAL N    N N N 71 
VAL CA   C N S 72 
VAL C    C N N 73 
VAL O    O N N 74 
VAL CB   C N N 75 
VAL CG1  C N N 76 
VAL CG2  C N N 77 
VAL OXT  O N N 78 
VAL H    H N N 79 
VAL H2   H N N 80 
VAL HA   H N N 81 
VAL HB   H N N 82 
VAL HG11 H N N 83 
VAL HG12 H N N 84 
VAL HG13 H N N 85 
VAL HG21 H N N 86 
VAL HG22 H N N 87 
VAL HG23 H N N 88 
VAL HXT  H N N 89 
# 
loop_
_chem_comp_bond.comp_id 
_chem_comp_bond.atom_id_1 
_chem_comp_bond.atom_id_2 
_chem_comp_bond.value_order 
_chem_comp_bond.pdbx_aromatic_flag 
_chem_comp_bond.pdbx_stereo_config 
_chem_comp_bond.pdbx_ordinal 
ASP N   CA   sing N N 1  
ASP N   H    sing N N 2  
ASP N   H2   sing N N 3  
ASP CA  C    sing N N 4  
ASP CA  CB   sing N N 5  
ASP CA  HA   sing N N 6  
ASP C   O    doub N N 7  
ASP C   OXT  sing N N 8  
ASP CB  CG   sing N N 9  
ASP CB  HB2  sing N N 10 
ASP CB  HB3  sing N N 11 
ASP CG  OD1  doub N N 12 
ASP CG  OD2  sing N N 13 
ASP OD2 HD2  sing N N 14 
ASP OXT HXT  sing N N 15 
GLU N   CA   sing N N 16 
GLU N   H    sing N N 17 
GLU N   H2   sing N N 18 
GLU CA  C    sing N N 19 
GLU CA  CB   sing N N 20 
GLU CA  HA   sing N N 21 
GLU C   O    doub N N 22 
GLU C   OXT  sing N N 23 
GLU CB  CG   sing N N 24 
GLU CB  HB2  sing N N 25 
GLU CB  HB3  sing N N 26 
GLU CG  CD   sing N N 27 
GLU CG  HG2  sing N N 28 
GLU CG  HG3  sing N N 29 
GLU CD  OE1  doub N N 30 
GLU CD  OE2  sing N N 31 
GLU OE2 HE2  sing N N 32 
GLU OXT HXT  sing N N 33 
GLY N   CA   sing N N 34 
GLY N   H    sing N N 35 
GLY N   H2   sing N N 36 
GLY CA  C    sing N N 37 
GLY CA  HA2  sing N N 38 
GLY CA  HA3  sing N N 39 
GLY C   O    doub N N 40 
GLY C   OXT  sing N N 41 
GLY OXT HXT  sing N N 42 
HOH O   H1   sing N N 43 
HOH O   H2   sing N N 44 
ILE N   CA   sing N N 45 
ILE N   H    sing N N 46 
ILE N   H2   sing N N 47 
ILE CA  C    sing N N 48 
ILE CA  CB   sing N N 49 
ILE CA  HA   sing N N 50 
ILE C   O    doub N N 51 
ILE C   OXT  sing N N 52 
ILE CB  CG1  sing N N 53 
ILE CB  CG2  sing N N 54 
ILE CB  HB   sing N N 55 
ILE CG1 CD1  sing N N 56 
ILE CG1 HG12 sing N N 57 
ILE CG1 HG13 sing N N 58 
ILE CG2 HG21 sing N N 59 
ILE CG2 HG22 sing N N 60 
ILE CG2 HG23 sing N N 61 
ILE CD1 HD11 sing N N 62 
ILE CD1 HD12 sing N N 63 
ILE CD1 HD13 sing N N 64 
ILE OXT HXT  sing N N 65 
VAL N   CA   sing N N 66 
VAL N   H    sing N N 67 
VAL N   H2   sing N N 68 
VAL CA  C    sing N N 69 
VAL CA  CB   sing N N 70 
VAL CA  HA   sing N N 71 
VAL C   O    doub N N 72 
VAL C   OXT  sing N N 73 
VAL CB  CG1  sing N N 74 
VAL CB  CG2  sing N N 75 
VAL CB  HB   sing N N 76 
VAL CG1 HG11 sing N N 77 
VAL CG1 HG12 sing N N 78 
VAL CG1 HG13 sing N N 79 
VAL CG2 HG21 sing N N 80 
VAL CG2 HG22 sing N N 81 
VAL CG2 HG23 sing N N 82 
VAL OXT HXT  sing N N 83 
# 
_atom_sites.entry_id                    3SGS 
_atom_sites.fract_transf_matrix[1][1]   0.03675909 
_atom_sites.fract_transf_matrix[1][2]   -0.14034667 
_atom_sites.fract_transf_matrix[1][3]   0.14903747 
_atom_sites.fract_transf_matrix[2][1]   0.01078812 
_atom_sites.fract_transf_matrix[2][2]   0.03779934 
_atom_sites.fract_transf_matrix[2][3]   0.03293433 
_atom_sites.fract_transf_matrix[3][1]   -0.04515594 
_atom_sites.fract_transf_matrix[3][2]   -0.00060151 
_atom_sites.fract_transf_matrix[3][3]   0.01548184 
_atom_sites.fract_transf_vector[1]      0.245535 
_atom_sites.fract_transf_vector[2]      -0.058197 
_atom_sites.fract_transf_vector[3]      0.045035 
# 
loop_
_atom_type.symbol 
C 
N 
O 
# 
loop_
_atom_site.group_PDB 
_atom_site.id 
_atom_site.type_symbol 
_atom_site.label_atom_id 
_atom_site.label_alt_id 
_atom_site.label_comp_id 
_atom_site.label_asym_id 
_atom_site.label_entity_id 
_atom_site.label_seq_id 
_atom_site.pdbx_PDB_ins_code 
_atom_site.Cartn_x 
_atom_site.Cartn_y 
_atom_site.Cartn_z 
_atom_site.occupancy 
_atom_site.B_iso_or_equiv 
_atom_site.pdbx_formal_charge 
_atom_site.auth_seq_id 
_atom_site.auth_comp_id 
_atom_site.auth_asym_id 
_atom_site.auth_atom_id 
_atom_site.pdbx_PDB_model_num 
ATOM   1  N N   . GLY A 1 1 ? -8.665 -1.338 3.324  1.00 10.29 ? 1 GLY A N   1 
ATOM   2  C CA  . GLY A 1 1 ? -7.389 -0.682 3.701  1.00 9.80  ? 1 GLY A CA  1 
ATOM   3  C C   . GLY A 1 1 ? -6.586 -0.315 2.475  1.00 9.53  ? 1 GLY A C   1 
ATOM   4  O O   . GLY A 1 1 ? -7.105 -0.314 1.351  1.00 10.48 ? 1 GLY A O   1 
ATOM   5  N N   . ASP A 1 2 ? -5.323 0.013  2.694  1.00 8.39  ? 2 ASP A N   1 
ATOM   6  C CA  . ASP A 1 2 ? -4.445 0.508  1.639  1.00 7.85  ? 2 ASP A CA  1 
ATOM   7  C C   . ASP A 1 2 ? -3.448 -0.552 1.202  1.00 6.99  ? 2 ASP A C   1 
ATOM   8  O O   . ASP A 1 2 ? -3.102 -1.453 1.968  1.00 6.68  ? 2 ASP A O   1 
ATOM   9  C CB  . ASP A 1 2 ? -3.673 1.733  2.132  1.00 7.92  ? 2 ASP A CB  1 
ATOM   10 C CG  . ASP A 1 2 ? -4.577 2.844  2.643  1.00 8.88  ? 2 ASP A CG  1 
ATOM   11 O OD1 . ASP A 1 2 ? -5.626 3.100  2.014  1.00 9.26  ? 2 ASP A OD1 1 
ATOM   12 O OD2 . ASP A 1 2 ? -4.223 3.477  3.668  1.00 9.54  ? 2 ASP A OD2 1 
ATOM   13 N N   . VAL A 1 3 ? -2.970 -0.418 -0.033 1.00 5.97  ? 3 VAL A N   1 
ATOM   14 C CA  . VAL A 1 3 ? -1.847 -1.191 -0.512 1.00 5.50  ? 3 VAL A CA  1 
ATOM   15 C C   . VAL A 1 3 ? -0.706 -0.235 -0.827 1.00 5.36  ? 3 VAL A C   1 
ATOM   16 O O   . VAL A 1 3 ? -0.850 0.658  -1.676 1.00 4.65  ? 3 VAL A O   1 
ATOM   17 C CB  . VAL A 1 3 ? -2.210 -1.993 -1.769 1.00 5.06  ? 3 VAL A CB  1 
ATOM   18 C CG1 . VAL A 1 3 ? -1.012 -2.790 -2.234 1.00 5.22  ? 3 VAL A CG1 1 
ATOM   19 C CG2 . VAL A 1 3 ? -3.415 -2.903 -1.490 1.00 5.82  ? 3 VAL A CG2 1 
ATOM   20 N N   . ILE A 1 4 ? 0.407  -0.397 -0.127 1.00 5.14  ? 4 ILE A N   1 
ATOM   21 C CA  . ILE A 1 4 ? 1.536  0.510  -0.279 1.00 5.38  ? 4 ILE A CA  1 
ATOM   22 C C   . ILE A 1 4 ? 2.766  -0.261 -0.733 1.00 5.88  ? 4 ILE A C   1 
ATOM   23 O O   . ILE A 1 4 ? 3.251  -1.143 -0.024 1.00 5.24  ? 4 ILE A O   1 
ATOM   24 C CB  . ILE A 1 4 ? 1.839  1.280  1.023  1.00 4.86  ? 4 ILE A CB  1 
ATOM   25 C CG1 . ILE A 1 4 ? 0.649  2.158  1.426  1.00 6.05  ? 4 ILE A CG1 1 
ATOM   26 C CG2 . ILE A 1 4 ? 3.054  2.170  0.849  1.00 3.89  ? 4 ILE A CG2 1 
ATOM   27 C CD1 . ILE A 1 4 ? 0.814  2.816  2.779  1.00 7.01  ? 4 ILE A CD1 1 
ATOM   28 N N   . GLU A 1 5 ? 3.267  0.105  -1.913 1.00 7.64  ? 5 GLU A N   1 
ATOM   29 C CA  . GLU A 1 5 ? 4.439  -0.513 -2.535 1.00 9.57  ? 5 GLU A CA  1 
ATOM   30 C C   . GLU A 1 5 ? 5.539  0.526  -2.711 1.00 11.31 ? 5 GLU A C   1 
ATOM   31 O O   . GLU A 1 5 ? 5.407  1.461  -3.498 1.00 11.92 ? 5 GLU A O   1 
ATOM   32 C CB  . GLU A 1 5 ? 4.064  -1.103 -3.899 1.00 9.45  ? 5 GLU A CB  1 
ATOM   33 C CG  . GLU A 1 5 ? 3.585  -2.526 -3.847 1.00 10.16 ? 5 GLU A CG  1 
ATOM   34 C CD  . GLU A 1 5 ? 4.700  -3.562 -3.849 1.00 10.01 ? 5 GLU A CD  1 
ATOM   35 O OE1 . GLU A 1 5 ? 5.904  -3.212 -3.767 1.00 10.67 ? 5 GLU A OE1 1 
ATOM   36 O OE2 . GLU A 1 5 ? 4.359  -4.750 -3.956 1.00 10.98 ? 5 GLU A OE2 1 
ATOM   37 N N   . VAL A 1 6 ? 6.638  0.367  -1.983 1.00 13.27 ? 6 VAL A N   1 
ATOM   38 C CA  . VAL A 1 6 ? 7.706  1.369  -2.015 1.00 15.08 ? 6 VAL A CA  1 
ATOM   39 C C   . VAL A 1 6 ? 9.088  0.758  -2.317 1.00 16.11 ? 6 VAL A C   1 
ATOM   40 O O   . VAL A 1 6 ? 9.756  0.198  -1.444 1.00 17.57 ? 6 VAL A O   1 
ATOM   41 C CB  . VAL A 1 6 ? 7.739  2.168  -0.681 1.00 15.51 ? 6 VAL A CB  1 
ATOM   42 C CG1 . VAL A 1 6 ? 6.539  3.092  -0.591 1.00 15.79 ? 6 VAL A CG1 1 
ATOM   43 C CG2 . VAL A 1 6 ? 7.725  1.233  0.503  1.00 16.27 ? 6 VAL A CG2 1 
ATOM   44 O OXT . VAL A 1 6 ? 9.655  0.828  -3.464 1.00 17.23 ? 6 VAL A OXT 1 
HETATM 45 O O   . HOH B 2 . ? -6.763 -0.475 -1.471 1.00 20.35 ? 7 HOH A O   1 
HETATM 46 O O   . HOH B 2 . ? -6.797 5.277  2.946  1.00 30.60 ? 8 HOH A O   1 
# 
